data_8ZF1
#
_entry.id   8ZF1
#
_cell.length_a   70.923
_cell.length_b   70.923
_cell.length_c   61.232
_cell.angle_alpha   90.00
_cell.angle_beta   90.00
_cell.angle_gamma   120.00
#
_symmetry.space_group_name_H-M   'P 32 1 2'
#
loop_
_entity.id
_entity.type
_entity.pdbx_description
1 polymer 'Transcriptional regulator, PadR-like family'
2 non-polymer N-(9-oxidanylidenethioxanthen-2-yl)ethanamide
#
_entity_poly.entity_id   1
_entity_poly.type   'polypeptide(L)'
_entity_poly.pdbx_seq_one_letter_code
;MGAEIPKELLRAQTNVILLNVLKQGDNYVYGIIKQVKEASNGEMELNEATLYTIFDRLEQDGIISSYWGDESQGGRRKYY
RLTEIGHEHMRLACESLSRVDKIIENLEANKKSEAIKSRGGSGGWSHPQFEK
;
_entity_poly.pdbx_strand_id   A
#
# COMPACT_ATOMS: atom_id res chain seq x y z
N PRO A 6 11.32 14.13 -3.68
CA PRO A 6 10.38 15.00 -2.97
C PRO A 6 9.28 14.22 -2.26
N LYS A 7 8.04 14.68 -2.39
CA LYS A 7 6.93 14.09 -1.65
C LYS A 7 6.18 13.01 -2.42
N GLU A 8 6.31 12.96 -3.74
CA GLU A 8 5.59 11.99 -4.55
C GLU A 8 6.42 10.76 -4.88
N LEU A 9 7.53 10.65 -4.16
CA LEU A 9 8.24 9.37 -4.17
C LEU A 9 7.72 8.69 -2.90
N LEU A 10 7.64 9.46 -1.80
CA LEU A 10 7.20 8.92 -0.52
C LEU A 10 5.72 8.59 -0.51
N ARG A 11 4.89 9.36 -1.21
CA ARG A 11 3.50 8.96 -1.37
C ARG A 11 3.38 7.77 -2.30
N ALA A 12 4.31 7.63 -3.25
CA ALA A 12 4.38 6.43 -4.06
C ALA A 12 4.85 5.22 -3.26
N GLN A 13 5.49 5.44 -2.11
CA GLN A 13 5.87 4.34 -1.24
C GLN A 13 4.81 4.02 -0.20
N THR A 14 4.04 5.03 0.23
CA THR A 14 2.97 4.77 1.19
C THR A 14 1.94 3.82 0.61
N ASN A 15 1.54 4.05 -0.65
CA ASN A 15 0.54 3.19 -1.27
C ASN A 15 1.04 1.76 -1.40
N VAL A 16 2.30 1.58 -1.78
CA VAL A 16 2.80 0.22 -2.09
C VAL A 16 2.83 -0.65 -0.83
N ILE A 17 3.03 -0.06 0.35
CA ILE A 17 2.94 -0.84 1.57
C ILE A 17 1.50 -0.91 2.09
N LEU A 18 0.72 0.16 1.88
CA LEU A 18 -0.68 0.10 2.22
C LEU A 18 -1.42 -0.92 1.36
N LEU A 19 -0.99 -1.07 0.10
CA LEU A 19 -1.46 -2.06 -0.87
C LEU A 19 -1.01 -3.44 -0.52
N ASN A 20 -0.36 -3.64 0.62
CA ASN A 20 0.17 -4.96 0.95
C ASN A 20 -0.28 -5.49 2.30
N VAL A 21 -0.66 -4.64 3.26
CA VAL A 21 -1.42 -5.14 4.39
C VAL A 21 -2.79 -5.60 3.91
N LEU A 22 -3.24 -5.08 2.76
CA LEU A 22 -4.46 -5.55 2.11
C LEU A 22 -4.22 -6.79 1.25
N LYS A 23 -3.04 -6.87 0.60
CA LYS A 23 -2.70 -8.04 -0.21
C LYS A 23 -2.78 -9.33 0.60
N GLN A 24 -2.69 -9.22 1.91
CA GLN A 24 -2.52 -10.35 2.81
C GLN A 24 -3.68 -10.46 3.80
N GLY A 25 -4.91 -10.22 3.32
CA GLY A 25 -6.12 -10.21 4.13
C GLY A 25 -6.82 -8.86 4.17
N ASP A 26 -8.15 -8.86 3.97
CA ASP A 26 -8.90 -7.63 4.06
C ASP A 26 -8.89 -7.10 5.50
N ASN A 27 -9.00 -5.78 5.64
CA ASN A 27 -8.73 -5.16 6.92
C ASN A 27 -9.43 -3.80 7.00
N TYR A 28 -9.52 -3.28 8.23
CA TYR A 28 -9.98 -1.93 8.52
C TYR A 28 -8.80 -1.10 9.02
N VAL A 29 -9.06 0.18 9.31
CA VAL A 29 -7.96 1.15 9.42
C VAL A 29 -7.21 1.00 10.73
N TYR A 30 -7.91 0.80 11.88
CA TYR A 30 -7.32 0.79 13.24
C TYR A 30 -6.40 -0.40 13.26
N GLY A 31 -6.84 -1.40 12.53
CA GLY A 31 -6.02 -2.59 12.35
C GLY A 31 -4.90 -2.35 11.36
N ILE A 32 -5.24 -1.81 10.18
CA ILE A 32 -4.21 -1.48 9.19
C ILE A 32 -3.19 -0.53 9.79
N ILE A 33 -3.66 0.48 10.54
CA ILE A 33 -2.75 1.46 11.14
C ILE A 33 -1.72 0.76 12.03
N LYS A 34 -2.20 0.02 13.02
CA LYS A 34 -1.28 -0.64 13.94
C LYS A 34 -0.72 -1.94 13.39
N GLN A 35 -1.15 -2.38 12.21
CA GLN A 35 -0.44 -3.46 11.53
C GLN A 35 0.80 -2.95 10.81
N VAL A 36 0.80 -1.67 10.41
CA VAL A 36 2.02 -1.09 9.82
C VAL A 36 2.91 -0.44 10.87
N LYS A 37 2.36 -0.08 12.04
CA LYS A 37 3.21 0.39 13.13
C LYS A 37 4.03 -0.76 13.68
N GLU A 38 3.39 -1.89 13.94
CA GLU A 38 4.09 -3.08 14.38
C GLU A 38 5.06 -3.58 13.31
N ALA A 39 4.62 -3.53 12.04
CA ALA A 39 5.54 -3.85 10.95
C ALA A 39 6.71 -2.88 10.88
N SER A 40 6.57 -1.69 11.46
CA SER A 40 7.58 -0.64 11.38
C SER A 40 8.37 -0.47 12.67
N ASN A 41 8.26 -1.42 13.60
CA ASN A 41 8.97 -1.36 14.88
C ASN A 41 8.69 -0.06 15.63
N GLY A 42 7.52 0.53 15.40
CA GLY A 42 7.19 1.82 15.98
C GLY A 42 7.95 2.95 15.33
N GLU A 43 7.66 3.21 14.06
CA GLU A 43 8.34 4.26 13.31
C GLU A 43 7.42 4.84 12.25
N MET A 44 6.45 4.05 11.79
CA MET A 44 5.49 4.46 10.78
C MET A 44 4.11 4.52 11.43
N GLU A 45 3.82 5.66 12.07
CA GLU A 45 2.52 5.90 12.67
C GLU A 45 1.63 6.63 11.68
N LEU A 46 0.55 5.98 11.25
CA LEU A 46 -0.38 6.55 10.29
C LEU A 46 -1.56 7.18 11.00
N ASN A 47 -2.17 8.16 10.35
CA ASN A 47 -3.34 8.86 10.85
C ASN A 47 -4.60 8.29 10.23
N GLU A 48 -5.71 8.40 10.97
CA GLU A 48 -7.00 7.97 10.43
C GLU A 48 -7.40 8.84 9.25
N ALA A 49 -7.26 10.17 9.37
CA ALA A 49 -7.60 11.07 8.28
C ALA A 49 -6.65 10.89 7.10
N THR A 50 -5.38 10.63 7.38
CA THR A 50 -4.41 10.41 6.30
C THR A 50 -4.75 9.15 5.51
N LEU A 51 -4.98 8.04 6.22
CA LEU A 51 -5.26 6.78 5.55
C LEU A 51 -6.54 6.85 4.73
N TYR A 52 -7.56 7.55 5.25
CA TYR A 52 -8.85 7.58 4.56
C TYR A 52 -8.74 8.28 3.22
N THR A 53 -8.14 9.47 3.19
CA THR A 53 -7.97 10.19 1.92
C THR A 53 -7.24 9.33 0.90
N ILE A 54 -6.24 8.56 1.34
CA ILE A 54 -5.51 7.68 0.43
C ILE A 54 -6.43 6.59 -0.09
N PHE A 55 -7.15 5.91 0.82
CA PHE A 55 -8.04 4.83 0.40
C PHE A 55 -9.19 5.36 -0.45
N ASP A 56 -9.55 6.60 -0.28
CA ASP A 56 -10.66 7.12 -1.10
C ASP A 56 -10.16 7.23 -2.54
N ARG A 57 -8.99 7.79 -2.71
CA ARG A 57 -8.45 7.93 -4.06
C ARG A 57 -8.26 6.57 -4.71
N LEU A 58 -7.65 5.63 -4.00
CA LEU A 58 -7.45 4.28 -4.55
C LEU A 58 -8.78 3.61 -4.85
N GLU A 59 -9.80 3.86 -4.02
CA GLU A 59 -11.11 3.28 -4.26
C GLU A 59 -11.77 3.92 -5.47
N GLN A 60 -11.53 5.20 -5.68
CA GLN A 60 -12.15 5.82 -6.88
C GLN A 60 -11.47 5.24 -8.11
N ASP A 61 -10.15 5.17 -8.09
CA ASP A 61 -9.43 4.61 -9.23
C ASP A 61 -9.64 3.11 -9.37
N GLY A 62 -10.48 2.51 -8.53
CA GLY A 62 -10.73 1.09 -8.63
C GLY A 62 -9.55 0.22 -8.26
N ILE A 63 -8.69 0.68 -7.35
CA ILE A 63 -7.58 -0.14 -6.88
C ILE A 63 -7.95 -0.93 -5.62
N ILE A 64 -8.91 -0.44 -4.82
CA ILE A 64 -9.56 -1.21 -3.76
C ILE A 64 -11.04 -0.85 -3.74
N SER A 65 -11.80 -1.66 -3.01
CA SER A 65 -13.23 -1.43 -2.82
C SER A 65 -13.59 -1.62 -1.35
N SER A 66 -14.79 -1.22 -0.97
CA SER A 66 -15.18 -1.23 0.43
C SER A 66 -16.48 -1.99 0.61
N TYR A 67 -16.61 -2.63 1.77
CA TYR A 67 -17.83 -3.33 2.16
C TYR A 67 -17.96 -3.28 3.69
N TRP A 68 -19.08 -3.77 4.18
CA TRP A 68 -19.37 -3.72 5.61
C TRP A 68 -19.14 -5.09 6.26
N GLY A 69 -18.96 -5.06 7.58
CA GLY A 69 -18.77 -6.26 8.36
C GLY A 69 -20.06 -6.75 9.01
N ASP A 70 -19.89 -7.70 9.93
CA ASP A 70 -21.02 -8.25 10.67
C ASP A 70 -21.23 -7.44 11.95
N GLU A 71 -22.14 -7.91 12.79
CA GLU A 71 -22.46 -7.22 14.05
C GLU A 71 -22.78 -8.21 15.17
N GLY A 74 -22.62 -5.20 18.54
CA GLY A 74 -22.15 -5.01 17.18
C GLY A 74 -22.06 -3.55 16.77
N GLY A 75 -21.52 -3.31 15.58
CA GLY A 75 -21.39 -1.95 15.08
C GLY A 75 -20.87 -1.95 13.66
N ARG A 76 -21.17 -0.86 12.96
CA ARG A 76 -20.76 -0.72 11.54
C ARG A 76 -19.24 -0.72 11.46
N ARG A 77 -18.70 -1.24 10.38
CA ARG A 77 -17.26 -1.37 10.24
C ARG A 77 -16.92 -1.54 8.77
N LYS A 78 -16.18 -0.58 8.21
CA LYS A 78 -15.81 -0.59 6.80
C LYS A 78 -14.53 -1.40 6.59
N TYR A 79 -14.60 -2.37 5.68
CA TYR A 79 -13.45 -3.21 5.34
C TYR A 79 -12.98 -2.89 3.93
N TYR A 80 -11.67 -3.04 3.70
CA TYR A 80 -11.06 -2.80 2.41
C TYR A 80 -10.35 -4.06 1.94
N ARG A 81 -10.46 -4.36 0.65
CA ARG A 81 -9.90 -5.57 0.07
C ARG A 81 -9.15 -5.23 -1.21
N LEU A 82 -8.12 -6.02 -1.51
CA LEU A 82 -7.36 -5.81 -2.73
C LEU A 82 -8.20 -6.23 -3.93
N THR A 83 -8.48 -5.28 -4.82
CA THR A 83 -9.24 -5.60 -6.03
C THR A 83 -8.34 -6.29 -7.06
N GLU A 84 -8.94 -6.70 -8.18
CA GLU A 84 -8.19 -7.42 -9.20
C GLU A 84 -7.11 -6.54 -9.83
N ILE A 85 -7.50 -5.36 -10.32
CA ILE A 85 -6.52 -4.49 -10.98
C ILE A 85 -5.58 -3.85 -9.97
N GLY A 86 -5.93 -3.85 -8.69
CA GLY A 86 -4.97 -3.48 -7.67
C GLY A 86 -3.91 -4.55 -7.48
N HIS A 87 -4.25 -5.81 -7.77
CA HIS A 87 -3.26 -6.87 -7.71
C HIS A 87 -2.20 -6.71 -8.79
N GLU A 88 -2.60 -6.31 -10.01
CA GLU A 88 -1.63 -6.12 -11.07
C GLU A 88 -0.74 -4.91 -10.80
N HIS A 89 -1.32 -3.82 -10.29
CA HIS A 89 -0.51 -2.64 -9.98
C HIS A 89 0.57 -2.98 -8.97
N MET A 90 0.20 -3.72 -7.93
CA MET A 90 1.14 -4.08 -6.88
C MET A 90 2.35 -4.82 -7.44
N ARG A 91 2.14 -5.63 -8.49
CA ARG A 91 3.25 -6.35 -9.09
C ARG A 91 3.88 -5.63 -10.27
N LEU A 92 3.25 -4.56 -10.77
CA LEU A 92 3.95 -3.69 -11.70
C LEU A 92 5.00 -2.88 -10.95
N ALA A 93 4.63 -2.29 -9.81
CA ALA A 93 5.60 -1.69 -8.92
C ALA A 93 6.64 -2.69 -8.45
N CYS A 94 6.34 -3.99 -8.55
CA CYS A 94 7.32 -5.03 -8.23
C CYS A 94 8.24 -5.30 -9.42
N GLU A 95 7.67 -5.46 -10.61
CA GLU A 95 8.50 -5.59 -11.80
C GLU A 95 9.24 -4.30 -12.13
N SER A 96 8.80 -3.16 -11.59
CA SER A 96 9.55 -1.92 -11.72
C SER A 96 10.79 -1.91 -10.84
N LEU A 97 10.82 -2.70 -9.76
CA LEU A 97 12.04 -2.88 -9.00
C LEU A 97 13.02 -3.78 -9.72
N SER A 98 12.50 -4.78 -10.44
CA SER A 98 13.37 -5.79 -11.05
C SER A 98 14.29 -5.17 -12.09
N ARG A 99 13.80 -4.19 -12.84
CA ARG A 99 14.64 -3.48 -13.80
C ARG A 99 15.59 -2.51 -13.10
N VAL A 100 15.04 -1.47 -12.47
CA VAL A 100 15.87 -0.38 -11.97
C VAL A 100 16.90 -0.84 -10.95
N ASP A 101 16.73 -2.03 -10.36
CA ASP A 101 17.71 -2.52 -9.40
C ASP A 101 18.93 -3.12 -10.08
N LYS A 102 18.77 -3.65 -11.29
CA LYS A 102 19.94 -4.08 -12.05
C LYS A 102 20.47 -2.98 -12.94
N ILE A 103 19.61 -2.05 -13.36
CA ILE A 103 20.07 -0.89 -14.12
C ILE A 103 21.11 -0.11 -13.32
N ILE A 104 20.87 0.05 -12.02
CA ILE A 104 21.77 0.83 -11.17
C ILE A 104 23.14 0.15 -11.06
N GLU A 105 23.17 -1.17 -10.97
CA GLU A 105 24.45 -1.86 -10.85
C GLU A 105 25.19 -1.89 -12.17
N ASN A 106 24.46 -2.07 -13.28
CA ASN A 106 25.08 -2.04 -14.60
C ASN A 106 25.71 -0.67 -14.88
N LEU A 107 25.17 0.39 -14.28
CA LEU A 107 25.80 1.70 -14.40
C LEU A 107 27.08 1.78 -13.58
N GLU A 108 27.10 1.15 -12.41
CA GLU A 108 28.34 1.04 -11.63
C GLU A 108 29.33 0.06 -12.27
N ALA A 109 28.90 -0.73 -13.25
CA ALA A 109 29.80 -1.62 -13.96
C ALA A 109 30.38 -0.96 -15.21
N ASN A 110 29.65 -0.04 -15.84
CA ASN A 110 30.11 0.60 -17.07
C ASN A 110 31.05 1.77 -16.76
N LYS A 111 32.09 1.47 -15.97
CA LYS A 111 33.10 2.48 -15.56
C LYS A 111 34.48 1.81 -15.47
N LYS A 112 34.60 0.80 -14.61
CA LYS A 112 35.89 0.07 -14.42
C LYS A 112 36.18 -0.77 -15.68
#